data_4I6Z
#
_entry.id   4I6Z
#
_cell.length_a   187.008
_cell.length_b   45.954
_cell.length_c   82.510
_cell.angle_alpha   90.000
_cell.angle_beta   105.600
_cell.angle_gamma   90.000
#
_symmetry.space_group_name_H-M   'C 1 2 1'
#
loop_
_entity.id
_entity.type
_entity.pdbx_description
1 polymer 'Transcriptional regulator, TetR family'
2 polymer 'DNA OLIGONUCLEOTIDE'
3 water water
#
loop_
_entity_poly.entity_id
_entity_poly.type
_entity_poly.pdbx_seq_one_letter_code
_entity_poly.pdbx_strand_id
1 'polypeptide(L)'
;GH(MSE)LSKRDAILKAAVEVFGKKGYDRATTDEIAEKAGVAKGLIFHYFKNKEELYYQAY(MSE)SVTEKLQKEFENFL
(MSE)KNRNRDIFDF(MSE)ERWIEKKLEYSASHPEEADFLITLVSVDEGLRKRILLDLEKSQRVFFDFVREKLKDLDLA
EDVTEEIALKFL(MSE)WFFSGFEEVYLRTYQGKPELLKRD(MSE)NTLVEEVKV(MSE)LRILKKG(MSE)TK
;
A,B
2 'polydeoxyribonucleotide'
;(DG)(DA)(DC)(DT)(DG)(DA)(DC)(DT)(DG)(DA)(DC)(DA)(DT)(DG)(DT)(DC)(DA)(DG)(DT)(DC)
(DA)(DG)(DT)(DC)
;
C,D
#
# COMPACT_ATOMS: atom_id res chain seq x y z
N LEU A 4 5.26 -8.90 -33.17
CA LEU A 4 5.77 -9.66 -32.03
C LEU A 4 5.47 -11.12 -32.17
N SER A 5 6.37 -11.95 -31.69
CA SER A 5 6.11 -13.37 -31.62
C SER A 5 4.88 -13.55 -30.80
N LYS A 6 4.07 -14.52 -31.21
CA LYS A 6 2.82 -14.79 -30.55
C LYS A 6 3.09 -14.78 -29.06
N ARG A 7 4.10 -15.50 -28.59
CA ARG A 7 4.40 -15.53 -27.16
C ARG A 7 4.55 -14.12 -26.60
N ASP A 8 5.38 -13.33 -27.21
CA ASP A 8 5.58 -11.98 -26.73
C ASP A 8 4.25 -11.21 -26.71
N ALA A 9 3.39 -11.42 -27.70
CA ALA A 9 2.11 -10.69 -27.75
C ALA A 9 1.08 -11.14 -26.69
N ILE A 10 1.22 -12.37 -26.22
CA ILE A 10 0.45 -12.84 -25.08
C ILE A 10 0.87 -12.10 -23.82
N LEU A 11 2.15 -12.27 -23.44
CA LEU A 11 2.70 -11.53 -22.33
C LEU A 11 2.18 -10.10 -22.33
N LYS A 12 2.28 -9.44 -23.48
CA LYS A 12 1.91 -8.05 -23.54
C LYS A 12 0.43 -7.88 -23.27
N ALA A 13 -0.40 -8.67 -23.90
CA ALA A 13 -1.83 -8.50 -23.64
C ALA A 13 -2.11 -8.84 -22.19
N ALA A 14 -1.41 -9.84 -21.67
CA ALA A 14 -1.57 -10.20 -20.28
C ALA A 14 -1.31 -9.02 -19.34
N VAL A 15 -0.32 -8.21 -19.71
CA VAL A 15 -0.07 -7.05 -18.91
C VAL A 15 -1.22 -6.03 -18.97
N GLU A 16 -1.63 -5.66 -20.16
CA GLU A 16 -2.78 -4.81 -20.29
C GLU A 16 -3.92 -5.35 -19.43
N VAL A 17 -4.29 -6.61 -19.65
CA VAL A 17 -5.48 -7.21 -18.99
C VAL A 17 -5.38 -7.28 -17.46
N PHE A 18 -4.30 -7.87 -16.96
CA PHE A 18 -4.09 -7.89 -15.53
C PHE A 18 -4.07 -6.48 -15.00
N GLY A 19 -3.43 -5.62 -15.76
CA GLY A 19 -3.42 -4.21 -15.42
C GLY A 19 -4.83 -3.72 -15.13
N LYS A 20 -5.77 -3.90 -16.07
CA LYS A 20 -7.12 -3.32 -15.97
C LYS A 20 -8.01 -4.02 -14.94
N LYS A 21 -7.81 -5.31 -14.66
CA LYS A 21 -8.75 -6.04 -13.77
C LYS A 21 -8.12 -6.69 -12.58
N GLY A 22 -6.81 -6.90 -12.63
CA GLY A 22 -6.10 -7.63 -11.57
C GLY A 22 -6.39 -9.10 -11.69
N TYR A 23 -5.57 -9.89 -11.02
CA TYR A 23 -5.51 -11.35 -11.23
C TYR A 23 -6.83 -12.08 -11.46
N ASP A 24 -7.69 -12.00 -10.45
CA ASP A 24 -8.79 -12.88 -10.32
C ASP A 24 -9.85 -12.50 -11.30
N ARG A 25 -10.20 -11.21 -11.29
CA ARG A 25 -11.21 -10.68 -12.19
C ARG A 25 -10.73 -10.84 -13.70
N ALA A 26 -9.46 -11.11 -13.97
CA ALA A 26 -8.98 -11.11 -15.37
C ALA A 26 -9.05 -12.46 -16.04
N THR A 27 -9.75 -12.56 -17.18
CA THR A 27 -9.89 -13.85 -17.85
C THR A 27 -8.74 -14.17 -18.82
N THR A 28 -8.45 -15.44 -19.03
CA THR A 28 -7.41 -15.84 -19.96
C THR A 28 -7.88 -15.66 -21.37
N ASP A 29 -9.18 -15.72 -21.58
CA ASP A 29 -9.65 -15.68 -22.92
C ASP A 29 -9.68 -14.27 -23.40
N GLU A 30 -9.79 -13.31 -22.49
CA GLU A 30 -9.66 -11.92 -22.92
C GLU A 30 -8.22 -11.71 -23.40
N ILE A 31 -7.28 -12.25 -22.64
CA ILE A 31 -5.89 -12.13 -23.05
C ILE A 31 -5.72 -12.73 -24.44
N ALA A 32 -6.25 -13.94 -24.66
CA ALA A 32 -6.18 -14.56 -25.98
C ALA A 32 -6.85 -13.74 -27.10
N GLU A 33 -8.02 -13.14 -26.81
CA GLU A 33 -8.68 -12.26 -27.78
C GLU A 33 -7.74 -11.13 -28.06
N LYS A 34 -7.30 -10.45 -27.01
CA LYS A 34 -6.52 -9.21 -27.14
C LYS A 34 -5.16 -9.50 -27.81
N ALA A 35 -4.61 -10.68 -27.62
CA ALA A 35 -3.34 -11.00 -28.24
C ALA A 35 -3.54 -11.62 -29.62
N GLY A 36 -4.83 -11.89 -29.95
CA GLY A 36 -5.23 -12.60 -31.19
C GLY A 36 -4.59 -13.95 -31.29
N VAL A 37 -4.83 -14.83 -30.33
CA VAL A 37 -4.18 -16.16 -30.32
C VAL A 37 -5.15 -17.24 -29.86
N ALA A 38 -4.84 -18.50 -30.10
CA ALA A 38 -5.62 -19.58 -29.49
C ALA A 38 -5.41 -19.58 -27.99
N LYS A 39 -6.51 -19.64 -27.22
CA LYS A 39 -6.42 -19.76 -25.77
C LYS A 39 -5.41 -20.87 -25.36
N GLY A 40 -5.45 -22.00 -26.03
CA GLY A 40 -4.55 -23.10 -25.70
C GLY A 40 -3.07 -22.73 -25.73
N LEU A 41 -2.74 -21.80 -26.60
CA LEU A 41 -1.33 -21.45 -26.78
C LEU A 41 -0.76 -20.91 -25.51
N ILE A 42 -1.63 -20.25 -24.75
CA ILE A 42 -1.24 -19.66 -23.49
C ILE A 42 -0.72 -20.73 -22.55
N PHE A 43 -1.42 -21.86 -22.51
CA PHE A 43 -1.05 -22.95 -21.62
C PHE A 43 -0.01 -23.83 -22.27
N HIS A 44 0.25 -23.57 -23.55
CA HIS A 44 1.42 -24.09 -24.16
C HIS A 44 2.60 -23.47 -23.46
N TYR A 45 2.64 -22.15 -23.47
CA TYR A 45 3.82 -21.43 -23.05
C TYR A 45 3.94 -21.32 -21.56
N PHE A 46 2.82 -21.23 -20.87
CA PHE A 46 2.88 -20.92 -19.45
C PHE A 46 2.19 -21.91 -18.50
N LYS A 47 1.71 -23.05 -18.96
CA LYS A 47 1.22 -24.14 -18.08
C LYS A 47 -0.08 -23.75 -17.39
N ASN A 48 -0.06 -22.65 -16.66
CA ASN A 48 -1.27 -22.13 -16.09
C ASN A 48 -1.22 -20.59 -15.83
N LYS A 49 -2.36 -20.06 -15.44
CA LYS A 49 -2.52 -18.62 -15.25
C LYS A 49 -1.59 -18.07 -14.22
N GLU A 50 -1.41 -18.77 -13.12
CA GLU A 50 -0.47 -18.34 -12.10
C GLU A 50 0.90 -18.13 -12.72
N GLU A 51 1.42 -19.16 -13.37
CA GLU A 51 2.73 -19.03 -14.01
C GLU A 51 2.70 -17.86 -14.97
N LEU A 52 1.61 -17.71 -15.69
CA LEU A 52 1.53 -16.64 -16.67
C LEU A 52 1.72 -15.28 -16.01
N TYR A 53 0.90 -14.94 -15.04
CA TYR A 53 1.11 -13.71 -14.30
C TYR A 53 2.55 -13.65 -13.90
N TYR A 54 3.05 -14.70 -13.29
CA TYR A 54 4.44 -14.71 -12.83
C TYR A 54 5.39 -14.28 -13.95
N GLN A 55 5.46 -15.07 -15.03
CA GLN A 55 6.29 -14.71 -16.17
C GLN A 55 6.06 -13.27 -16.59
N ALA A 56 4.83 -12.82 -16.63
CA ALA A 56 4.59 -11.44 -17.01
C ALA A 56 5.32 -10.49 -16.07
N TYR A 57 5.09 -10.65 -14.78
CA TYR A 57 5.75 -9.84 -13.76
C TYR A 57 7.29 -9.92 -13.84
N SER A 59 9.11 -10.62 -16.54
CA SER A 59 9.42 -9.90 -17.77
C SER A 59 9.58 -8.43 -17.48
N VAL A 60 8.55 -7.87 -16.86
CA VAL A 60 8.49 -6.44 -16.61
C VAL A 60 9.57 -6.02 -15.65
N THR A 61 9.72 -6.73 -14.55
CA THR A 61 10.75 -6.35 -13.63
C THR A 61 12.15 -6.53 -14.26
N GLU A 62 12.29 -7.45 -15.21
CA GLU A 62 13.58 -7.66 -15.82
C GLU A 62 14.04 -6.32 -16.33
N LYS A 63 13.17 -5.77 -17.17
CA LYS A 63 13.31 -4.48 -17.76
C LYS A 63 13.67 -3.37 -16.74
N LEU A 64 12.87 -3.17 -15.70
CA LEU A 64 13.20 -2.12 -14.74
C LEU A 64 14.55 -2.31 -14.07
N GLN A 65 14.80 -3.54 -13.65
CA GLN A 65 16.05 -3.84 -13.03
C GLN A 65 17.13 -3.35 -14.01
N LYS A 66 17.03 -3.75 -15.27
CA LYS A 66 18.01 -3.30 -16.26
C LYS A 66 18.14 -1.81 -16.14
N GLU A 67 17.01 -1.11 -16.23
CA GLU A 67 17.03 0.36 -16.22
C GLU A 67 17.60 0.89 -14.96
N PHE A 68 17.21 0.33 -13.86
CA PHE A 68 17.80 0.76 -12.62
C PHE A 68 19.30 0.56 -12.56
N GLU A 69 19.79 -0.56 -13.05
CA GLU A 69 21.20 -0.87 -12.83
C GLU A 69 22.02 0.14 -13.58
N ASN A 70 21.53 0.52 -14.75
CA ASN A 70 22.19 1.54 -15.53
C ASN A 70 22.14 2.88 -14.81
N PHE A 71 21.01 3.20 -14.20
CA PHE A 71 20.93 4.44 -13.47
C PHE A 71 21.98 4.51 -12.41
N LEU A 72 22.03 3.48 -11.61
CA LEU A 72 22.91 3.44 -10.47
C LEU A 72 24.35 3.73 -10.85
N LYS A 74 25.50 5.37 -13.50
CA LYS A 74 25.58 6.75 -13.86
C LYS A 74 25.36 7.67 -12.68
N ASN A 75 24.97 7.13 -11.53
CA ASN A 75 24.77 7.96 -10.35
C ASN A 75 25.34 7.48 -9.02
N ARG A 76 26.15 6.40 -9.02
CA ARG A 76 26.73 5.82 -7.80
C ARG A 76 27.25 6.95 -6.91
N ASN A 77 27.89 7.91 -7.56
CA ASN A 77 28.59 9.02 -6.94
C ASN A 77 27.75 10.06 -6.26
N ARG A 78 26.50 10.15 -6.64
CA ARG A 78 25.72 11.20 -6.06
C ARG A 78 25.61 11.01 -4.55
N ASP A 79 25.34 12.11 -3.87
CA ASP A 79 24.80 12.10 -2.51
C ASP A 79 23.52 11.24 -2.46
N ILE A 80 23.25 10.63 -1.32
CA ILE A 80 22.06 9.76 -1.22
C ILE A 80 20.69 10.37 -1.53
N PHE A 81 20.40 11.56 -1.03
CA PHE A 81 19.08 12.13 -1.25
C PHE A 81 18.96 12.60 -2.67
N ASP A 82 19.96 13.36 -3.07
CA ASP A 82 20.16 13.77 -4.44
C ASP A 82 19.87 12.58 -5.33
N PHE A 83 20.34 11.44 -4.91
CA PHE A 83 20.07 10.21 -5.62
C PHE A 83 18.58 9.91 -5.66
N GLU A 85 15.85 11.56 -4.86
CA GLU A 85 15.28 12.67 -5.63
C GLU A 85 15.27 12.30 -7.11
N ARG A 86 16.44 12.22 -7.73
CA ARG A 86 16.50 11.92 -9.14
C ARG A 86 15.86 10.58 -9.51
N TRP A 87 16.02 9.57 -8.69
CA TRP A 87 15.51 8.27 -9.06
C TRP A 87 14.02 8.31 -9.14
N ILE A 88 13.40 8.83 -8.09
CA ILE A 88 11.97 8.94 -8.06
C ILE A 88 11.43 9.61 -9.29
N GLU A 89 12.02 10.74 -9.67
CA GLU A 89 11.74 11.37 -10.96
C GLU A 89 11.63 10.32 -12.06
N LYS A 90 12.71 9.58 -12.32
CA LYS A 90 12.65 8.62 -13.40
C LYS A 90 11.48 7.63 -13.26
N LYS A 91 11.20 7.16 -12.04
CA LYS A 91 10.13 6.18 -11.83
C LYS A 91 8.78 6.73 -12.26
N LEU A 92 8.51 7.99 -11.94
CA LEU A 92 7.29 8.60 -12.43
C LEU A 92 7.32 8.74 -13.94
N GLU A 93 8.44 9.26 -14.47
CA GLU A 93 8.62 9.35 -15.94
C GLU A 93 8.29 7.97 -16.57
N TYR A 94 8.61 6.86 -15.89
CA TYR A 94 8.26 5.55 -16.42
C TYR A 94 6.79 5.31 -16.26
N SER A 95 6.28 5.56 -15.06
CA SER A 95 4.89 5.38 -14.81
C SER A 95 4.07 6.12 -15.85
N ALA A 96 4.51 7.29 -16.28
CA ALA A 96 3.78 8.02 -17.31
C ALA A 96 4.06 7.51 -18.72
N SER A 97 5.28 7.11 -19.02
CA SER A 97 5.54 6.61 -20.36
C SER A 97 5.08 5.16 -20.56
N HIS A 98 4.63 4.47 -19.51
CA HIS A 98 4.29 3.06 -19.63
C HIS A 98 3.22 2.71 -18.64
N PRO A 99 2.19 3.50 -18.58
CA PRO A 99 1.17 3.34 -17.51
C PRO A 99 0.57 1.96 -17.35
N GLU A 100 0.53 1.19 -18.43
CA GLU A 100 0.01 -0.18 -18.37
C GLU A 100 0.90 -1.03 -17.46
N GLU A 101 2.20 -1.05 -17.75
CA GLU A 101 3.16 -1.72 -16.87
C GLU A 101 2.91 -1.23 -15.45
N ALA A 102 2.98 0.06 -15.22
CA ALA A 102 2.71 0.54 -13.87
C ALA A 102 1.47 -0.09 -13.26
N ASP A 103 0.36 0.06 -13.95
CA ASP A 103 -0.90 -0.37 -13.40
C ASP A 103 -0.84 -1.85 -13.11
N PHE A 104 -0.07 -2.60 -13.88
CA PHE A 104 0.05 -4.03 -13.69
C PHE A 104 0.89 -4.41 -12.47
N LEU A 105 2.02 -3.78 -12.27
CA LEU A 105 2.86 -4.08 -11.11
C LEU A 105 2.10 -3.91 -9.82
N ILE A 106 1.23 -2.91 -9.76
CA ILE A 106 0.43 -2.68 -8.56
C ILE A 106 -0.48 -3.89 -8.22
N THR A 107 -0.81 -4.70 -9.23
CA THR A 107 -1.75 -5.79 -9.02
C THR A 107 -1.22 -6.88 -8.09
N LEU A 108 0.08 -6.82 -7.81
CA LEU A 108 0.72 -7.86 -7.07
C LEU A 108 -0.01 -8.20 -5.82
N VAL A 109 -0.57 -7.23 -5.13
CA VAL A 109 -1.23 -7.59 -3.86
C VAL A 109 -2.48 -8.45 -4.07
N SER A 110 -3.14 -8.38 -5.22
CA SER A 110 -4.41 -9.08 -5.41
C SER A 110 -4.28 -10.60 -5.47
N VAL A 111 -3.05 -11.12 -5.52
CA VAL A 111 -2.86 -12.51 -5.84
C VAL A 111 -2.45 -13.40 -4.64
N ASP A 112 -2.92 -14.64 -4.67
CA ASP A 112 -2.82 -15.55 -3.54
C ASP A 112 -1.45 -15.69 -2.87
N GLU A 113 -1.49 -15.74 -1.53
CA GLU A 113 -0.33 -15.94 -0.66
C GLU A 113 0.83 -16.61 -1.40
N GLY A 114 0.51 -17.69 -2.11
CA GLY A 114 1.55 -18.49 -2.70
C GLY A 114 2.41 -17.76 -3.68
N LEU A 115 1.75 -17.37 -4.78
CA LEU A 115 2.41 -16.71 -5.89
C LEU A 115 3.08 -15.47 -5.38
N ARG A 116 2.33 -14.68 -4.64
CA ARG A 116 2.84 -13.42 -4.09
C ARG A 116 4.18 -13.59 -3.38
N LYS A 117 4.22 -14.46 -2.36
CA LYS A 117 5.42 -14.61 -1.55
C LYS A 117 6.55 -15.04 -2.45
N ARG A 118 6.26 -15.99 -3.33
CA ARG A 118 7.28 -16.39 -4.28
C ARG A 118 7.96 -15.17 -4.86
N ILE A 119 7.17 -14.28 -5.45
CA ILE A 119 7.69 -13.19 -6.26
C ILE A 119 8.49 -12.29 -5.38
N LEU A 120 7.87 -11.87 -4.27
CA LEU A 120 8.53 -11.00 -3.30
C LEU A 120 9.94 -11.47 -2.93
N LEU A 121 10.10 -12.76 -2.73
CA LEU A 121 11.43 -13.29 -2.49
C LEU A 121 12.33 -13.04 -3.70
N ASP A 122 11.89 -13.42 -4.90
CA ASP A 122 12.69 -13.14 -6.12
C ASP A 122 13.12 -11.68 -6.15
N LEU A 123 12.27 -10.80 -5.60
CA LEU A 123 12.63 -9.40 -5.48
C LEU A 123 13.72 -9.14 -4.44
N GLU A 124 13.52 -9.47 -3.17
CA GLU A 124 14.58 -9.12 -2.19
C GLU A 124 15.98 -9.31 -2.78
N LYS A 125 16.19 -10.41 -3.52
CA LYS A 125 17.45 -10.57 -4.24
C LYS A 125 17.80 -9.26 -4.99
N SER A 126 17.07 -8.98 -6.07
CA SER A 126 17.28 -7.77 -6.87
C SER A 126 17.38 -6.51 -6.03
N GLN A 127 16.50 -6.37 -5.04
CA GLN A 127 16.49 -5.23 -4.13
C GLN A 127 17.77 -5.08 -3.36
N ARG A 128 18.33 -6.18 -2.89
CA ARG A 128 19.47 -6.10 -1.97
C ARG A 128 20.63 -5.23 -2.47
N VAL A 129 20.77 -5.13 -3.79
CA VAL A 129 21.77 -4.24 -4.39
C VAL A 129 21.53 -2.83 -3.87
N PHE A 130 20.50 -2.16 -4.42
CA PHE A 130 20.11 -0.82 -4.01
C PHE A 130 20.09 -0.75 -2.50
N PHE A 131 19.32 -1.66 -1.91
CA PHE A 131 19.22 -1.77 -0.49
C PHE A 131 20.63 -1.59 0.12
N ASP A 132 21.59 -2.39 -0.30
CA ASP A 132 22.89 -2.37 0.37
C ASP A 132 23.69 -1.08 0.11
N PHE A 133 23.62 -0.61 -1.13
CA PHE A 133 24.21 0.68 -1.53
C PHE A 133 23.79 1.81 -0.61
N VAL A 134 22.52 1.84 -0.25
CA VAL A 134 22.04 2.89 0.64
C VAL A 134 22.71 2.81 2.02
N ARG A 135 22.86 1.58 2.51
CA ARG A 135 23.52 1.37 3.79
C ARG A 135 24.84 2.13 3.79
N GLU A 136 25.57 2.07 2.67
CA GLU A 136 26.86 2.71 2.59
C GLU A 136 26.78 4.24 2.54
N LYS A 137 25.99 4.79 1.62
CA LYS A 137 25.88 6.25 1.47
C LYS A 137 25.36 6.97 2.71
N LEU A 138 25.04 6.23 3.76
CA LEU A 138 24.57 6.83 5.02
C LEU A 138 25.71 6.97 5.99
N LYS A 139 26.69 6.08 5.84
CA LYS A 139 27.85 6.16 6.65
C LYS A 139 28.40 7.56 6.40
N ASP A 140 28.31 7.97 5.14
CA ASP A 140 28.62 9.36 4.74
C ASP A 140 27.83 10.49 5.40
N LEU A 141 26.95 10.23 6.37
CA LEU A 141 26.15 11.33 6.88
C LEU A 141 26.29 11.48 8.37
N ASP A 142 26.22 12.74 8.84
CA ASP A 142 26.38 13.04 10.25
C ASP A 142 25.02 12.98 10.95
N LEU A 143 24.70 11.83 11.53
CA LEU A 143 23.38 11.61 12.11
C LEU A 143 23.19 12.29 13.46
N ALA A 144 21.93 12.40 13.87
CA ALA A 144 21.61 12.81 15.22
C ALA A 144 21.95 11.65 16.15
N GLU A 145 22.26 11.95 17.41
CA GLU A 145 22.75 10.96 18.37
C GLU A 145 21.66 10.03 18.90
N ASP A 146 20.56 9.90 18.15
CA ASP A 146 19.43 9.03 18.51
C ASP A 146 18.84 8.42 17.25
N VAL A 147 19.61 8.46 16.16
CA VAL A 147 19.14 8.01 14.87
C VAL A 147 19.99 6.90 14.27
N THR A 148 19.66 5.67 14.61
CA THR A 148 20.30 4.50 14.04
C THR A 148 20.41 4.52 12.51
N GLU A 149 21.49 4.02 11.94
CA GLU A 149 21.51 3.69 10.51
C GLU A 149 20.40 2.69 10.19
N GLU A 150 20.17 1.71 11.06
CA GLU A 150 19.04 0.78 10.89
C GLU A 150 17.76 1.59 10.77
N ILE A 151 17.42 2.36 11.81
CA ILE A 151 16.22 3.20 11.79
C ILE A 151 16.15 4.03 10.52
N ALA A 152 17.25 4.69 10.16
CA ALA A 152 17.24 5.54 9.00
C ALA A 152 16.83 4.75 7.76
N LEU A 153 17.47 3.60 7.57
CA LEU A 153 17.16 2.82 6.39
C LEU A 153 15.67 2.51 6.28
N LYS A 154 15.08 1.97 7.33
CA LYS A 154 13.66 1.67 7.31
C LYS A 154 12.89 2.91 6.79
N PHE A 155 13.14 4.05 7.41
CA PHE A 155 12.42 5.26 7.03
C PHE A 155 12.51 5.46 5.50
N LEU A 156 13.72 5.48 4.97
CA LEU A 156 13.92 5.81 3.58
C LEU A 156 13.34 4.78 2.68
N TRP A 158 10.96 2.75 3.35
CA TRP A 158 9.53 2.86 3.39
C TRP A 158 9.09 3.97 2.46
N PHE A 159 9.48 5.18 2.78
CA PHE A 159 9.19 6.34 1.91
C PHE A 159 9.34 5.95 0.44
N PHE A 160 10.57 5.73 0.01
CA PHE A 160 10.89 5.36 -1.37
C PHE A 160 9.83 4.51 -2.09
N SER A 161 9.56 3.31 -1.58
CA SER A 161 8.65 2.42 -2.24
C SER A 161 7.20 2.69 -1.84
N GLY A 162 7.00 3.23 -0.64
CA GLY A 162 5.66 3.62 -0.17
C GLY A 162 5.03 4.71 -1.01
N PHE A 163 5.83 5.70 -1.40
CA PHE A 163 5.34 6.78 -2.23
C PHE A 163 4.88 6.16 -3.48
N GLU A 164 5.71 5.29 -4.05
CA GLU A 164 5.31 4.50 -5.22
C GLU A 164 3.84 4.06 -5.07
N GLU A 165 3.54 3.12 -4.20
CA GLU A 165 2.17 2.68 -4.06
C GLU A 165 1.17 3.81 -3.69
N VAL A 166 1.60 4.80 -2.90
CA VAL A 166 0.69 5.91 -2.49
C VAL A 166 0.10 6.69 -3.64
N TYR A 167 0.96 7.24 -4.48
CA TYR A 167 0.50 7.93 -5.67
C TYR A 167 -0.15 6.89 -6.57
N LEU A 168 0.57 5.81 -6.89
CA LEU A 168 0.28 4.90 -8.04
C LEU A 168 -1.15 4.33 -8.12
N ARG A 169 -1.73 4.05 -6.97
CA ARG A 169 -3.15 3.71 -6.93
C ARG A 169 -4.02 4.98 -7.15
N THR A 170 -3.63 6.12 -6.55
CA THR A 170 -4.36 7.39 -6.73
C THR A 170 -4.41 7.90 -8.17
N TYR A 171 -3.31 7.74 -8.89
CA TYR A 171 -3.25 8.15 -10.28
C TYR A 171 -3.38 6.94 -11.19
N GLN A 172 -4.00 5.87 -10.71
CA GLN A 172 -4.18 4.69 -11.57
C GLN A 172 -5.17 5.03 -12.68
N GLY A 173 -4.87 4.55 -13.89
CA GLY A 173 -5.70 4.78 -15.08
C GLY A 173 -5.99 6.25 -15.37
N LYS A 174 -5.02 7.10 -15.06
CA LYS A 174 -5.16 8.54 -15.11
C LYS A 174 -3.80 9.21 -15.48
N PRO A 175 -3.05 8.62 -16.44
CA PRO A 175 -1.67 9.06 -16.76
C PRO A 175 -1.61 10.51 -17.20
N GLU A 176 -2.59 10.89 -18.02
CA GLU A 176 -2.95 12.26 -18.27
C GLU A 176 -2.75 13.10 -16.99
N LEU A 177 -3.52 12.75 -15.98
CA LEU A 177 -3.62 13.53 -14.76
C LEU A 177 -2.30 13.54 -13.99
N LEU A 178 -1.49 12.54 -14.26
CA LEU A 178 -0.21 12.41 -13.64
C LEU A 178 0.77 13.36 -14.29
N LYS A 179 0.82 13.30 -15.62
CA LYS A 179 1.66 14.19 -16.41
C LYS A 179 1.42 15.63 -16.02
N ARG A 180 0.15 15.97 -15.88
CA ARG A 180 -0.20 17.28 -15.38
C ARG A 180 0.55 17.51 -14.10
N ASP A 181 0.25 16.66 -13.12
CA ASP A 181 0.71 16.86 -11.75
C ASP A 181 2.19 16.52 -11.49
N ASN A 183 5.03 17.65 -12.19
CA ASN A 183 5.93 18.67 -11.72
C ASN A 183 5.81 19.06 -10.26
N THR A 184 4.60 19.30 -9.78
CA THR A 184 4.36 19.50 -8.37
C THR A 184 4.92 18.36 -7.55
N LEU A 185 4.58 17.14 -7.93
CA LEU A 185 4.98 15.97 -7.17
C LEU A 185 6.47 15.98 -6.93
N VAL A 186 7.21 16.09 -8.02
CA VAL A 186 8.64 16.20 -7.95
C VAL A 186 9.10 17.24 -6.93
N GLU A 187 8.41 18.37 -6.87
CA GLU A 187 8.70 19.33 -5.84
C GLU A 187 8.38 18.72 -4.48
N GLU A 188 7.12 18.37 -4.27
CA GLU A 188 6.70 17.85 -2.98
C GLU A 188 7.76 16.87 -2.47
N VAL A 189 8.18 15.99 -3.35
CA VAL A 189 9.25 15.04 -3.03
C VAL A 189 10.54 15.68 -2.56
N LYS A 190 11.09 16.52 -3.43
CA LYS A 190 12.31 17.23 -3.13
C LYS A 190 12.22 17.85 -1.75
N VAL A 191 11.15 18.61 -1.47
CA VAL A 191 10.90 19.08 -0.12
C VAL A 191 10.89 17.95 0.92
N LEU A 193 12.16 14.90 0.93
CA LEU A 193 13.51 14.43 1.17
C LEU A 193 14.30 15.49 1.95
N ARG A 194 14.35 16.72 1.42
CA ARG A 194 14.94 17.86 2.13
C ARG A 194 14.50 17.83 3.58
N ILE A 195 13.22 17.64 3.86
CA ILE A 195 12.77 17.56 5.26
C ILE A 195 13.46 16.48 6.05
N LEU A 196 13.61 15.30 5.45
CA LEU A 196 14.22 14.18 6.15
C LEU A 196 15.69 14.45 6.43
N LYS A 197 16.41 14.91 5.42
CA LYS A 197 17.81 15.28 5.59
C LYS A 197 17.99 16.20 6.78
N LYS A 198 17.18 17.24 6.89
CA LYS A 198 17.29 18.20 8.02
C LYS A 198 17.01 17.53 9.35
N GLY A 199 16.06 16.59 9.34
CA GLY A 199 15.68 15.86 10.53
C GLY A 199 16.69 14.82 11.00
N THR A 201 20.13 14.91 10.28
CA THR A 201 21.50 15.42 10.38
C THR A 201 21.63 16.51 11.47
N LYS A 202 22.88 16.80 11.90
CA LYS A 202 23.16 17.59 13.14
C LYS A 202 22.91 19.13 13.13
N LEU B 4 -24.75 -14.40 18.88
CA LEU B 4 -25.04 -13.37 17.89
C LEU B 4 -26.23 -13.73 17.01
N SER B 5 -27.03 -12.73 16.68
CA SER B 5 -28.08 -12.90 15.68
C SER B 5 -27.46 -13.44 14.40
N LYS B 6 -28.19 -14.31 13.73
CA LYS B 6 -27.70 -14.96 12.54
C LYS B 6 -27.06 -13.87 11.65
N ARG B 7 -27.76 -12.76 11.46
CA ARG B 7 -27.20 -11.64 10.66
C ARG B 7 -25.83 -11.20 11.19
N ASP B 8 -25.75 -10.89 12.46
CA ASP B 8 -24.47 -10.50 13.02
C ASP B 8 -23.38 -11.58 12.83
N ALA B 9 -23.74 -12.85 12.89
CA ALA B 9 -22.77 -13.93 12.67
C ALA B 9 -22.29 -14.10 11.21
N ILE B 10 -23.13 -13.69 10.26
CA ILE B 10 -22.73 -13.63 8.86
C ILE B 10 -21.67 -12.57 8.68
N LEU B 11 -22.04 -11.34 8.98
CA LEU B 11 -21.06 -10.26 8.98
C LEU B 11 -19.73 -10.71 9.56
N LYS B 12 -19.76 -11.30 10.75
CA LYS B 12 -18.52 -11.70 11.37
C LYS B 12 -17.79 -12.75 10.54
N ALA B 13 -18.48 -13.77 10.07
CA ALA B 13 -17.78 -14.77 9.27
C ALA B 13 -17.26 -14.14 7.98
N ALA B 14 -18.05 -13.23 7.43
CA ALA B 14 -17.63 -12.49 6.25
C ALA B 14 -16.30 -11.76 6.49
N VAL B 15 -16.11 -11.24 7.68
CA VAL B 15 -14.85 -10.61 7.97
C VAL B 15 -13.69 -11.61 7.97
N GLU B 16 -13.81 -12.68 8.75
CA GLU B 16 -12.79 -13.72 8.78
C GLU B 16 -12.47 -14.11 7.35
N VAL B 17 -13.52 -14.44 6.57
CA VAL B 17 -13.36 -14.97 5.20
C VAL B 17 -12.71 -13.97 4.23
N PHE B 18 -13.29 -12.78 4.13
CA PHE B 18 -12.69 -11.78 3.30
C PHE B 18 -11.27 -11.48 3.78
N GLY B 19 -11.11 -11.45 5.09
CA GLY B 19 -9.80 -11.33 5.69
C GLY B 19 -8.79 -12.29 5.09
N LYS B 20 -9.08 -13.59 5.12
CA LYS B 20 -8.11 -14.61 4.67
C LYS B 20 -7.97 -14.71 3.13
N LYS B 21 -8.99 -14.37 2.34
CA LYS B 21 -8.90 -14.58 0.86
C LYS B 21 -9.09 -13.33 0.00
N GLY B 22 -9.70 -12.30 0.59
CA GLY B 22 -10.02 -11.09 -0.14
C GLY B 22 -11.20 -11.35 -1.07
N TYR B 23 -11.80 -10.25 -1.52
CA TYR B 23 -13.08 -10.27 -2.19
C TYR B 23 -13.36 -11.44 -3.12
N ASP B 24 -12.57 -11.55 -4.16
CA ASP B 24 -12.94 -12.34 -5.30
C ASP B 24 -12.75 -13.82 -5.00
N ARG B 25 -11.57 -14.14 -4.44
CA ARG B 25 -11.25 -15.51 -4.05
C ARG B 25 -12.26 -15.98 -2.95
N ALA B 26 -12.98 -15.10 -2.29
CA ALA B 26 -13.80 -15.50 -1.15
C ALA B 26 -15.21 -15.87 -1.54
N THR B 27 -15.64 -17.08 -1.29
CA THR B 27 -16.97 -17.53 -1.70
C THR B 27 -18.00 -17.18 -0.68
N THR B 28 -19.23 -17.04 -1.12
CA THR B 28 -20.31 -16.74 -0.17
C THR B 28 -20.67 -17.97 0.61
N ASP B 29 -20.40 -19.14 0.05
CA ASP B 29 -20.84 -20.34 0.70
C ASP B 29 -19.88 -20.72 1.79
N GLU B 30 -18.65 -20.27 1.70
CA GLU B 30 -17.74 -20.44 2.83
C GLU B 30 -18.21 -19.58 4.00
N ILE B 31 -18.59 -18.37 3.70
CA ILE B 31 -19.13 -17.51 4.74
C ILE B 31 -20.35 -18.17 5.36
N ALA B 32 -21.27 -18.68 4.54
CA ALA B 32 -22.41 -19.44 5.08
C ALA B 32 -22.03 -20.70 5.93
N GLU B 33 -21.04 -21.47 5.50
CA GLU B 33 -20.54 -22.58 6.34
C GLU B 33 -20.05 -21.98 7.63
N LYS B 34 -19.12 -21.03 7.55
CA LYS B 34 -18.40 -20.54 8.75
C LYS B 34 -19.37 -19.80 9.68
N ALA B 35 -20.45 -19.23 9.16
CA ALA B 35 -21.45 -18.59 10.03
C ALA B 35 -22.58 -19.57 10.45
N GLY B 36 -22.51 -20.79 9.90
CA GLY B 36 -23.54 -21.80 10.11
C GLY B 36 -24.93 -21.29 9.76
N VAL B 37 -25.13 -20.93 8.49
CA VAL B 37 -26.41 -20.41 8.05
C VAL B 37 -26.73 -20.91 6.65
N ALA B 38 -27.98 -20.80 6.24
CA ALA B 38 -28.30 -21.04 4.84
C ALA B 38 -27.66 -19.98 3.95
N LYS B 39 -27.01 -20.39 2.87
CA LYS B 39 -26.45 -19.42 1.91
C LYS B 39 -27.51 -18.38 1.48
N GLY B 40 -28.76 -18.81 1.22
CA GLY B 40 -29.82 -17.85 0.81
C GLY B 40 -30.05 -16.67 1.79
N LEU B 41 -29.71 -16.93 3.06
CA LEU B 41 -29.95 -15.95 4.09
C LEU B 41 -29.10 -14.73 3.84
N ILE B 42 -27.95 -14.97 3.27
CA ILE B 42 -27.03 -13.91 3.00
C ILE B 42 -27.62 -12.92 2.05
N PHE B 43 -28.30 -13.42 1.06
CA PHE B 43 -28.91 -12.55 0.08
C PHE B 43 -30.30 -12.13 0.52
N HIS B 44 -30.77 -12.69 1.61
CA HIS B 44 -31.88 -12.09 2.32
C HIS B 44 -31.44 -10.74 2.87
N TYR B 45 -30.38 -10.75 3.65
CA TYR B 45 -29.98 -9.58 4.34
C TYR B 45 -29.25 -8.59 3.47
N PHE B 46 -28.46 -9.05 2.52
CA PHE B 46 -27.57 -8.14 1.89
C PHE B 46 -27.73 -8.02 0.40
N LYS B 47 -28.74 -8.67 -0.17
CA LYS B 47 -29.11 -8.50 -1.61
C LYS B 47 -28.02 -9.04 -2.53
N ASN B 48 -26.76 -8.61 -2.34
CA ASN B 48 -25.67 -9.23 -3.03
C ASN B 48 -24.29 -9.08 -2.35
N LYS B 49 -23.31 -9.79 -2.88
CA LYS B 49 -21.98 -9.92 -2.27
C LYS B 49 -21.28 -8.59 -2.12
N GLU B 50 -21.44 -7.74 -3.11
CA GLU B 50 -20.86 -6.41 -3.04
C GLU B 50 -21.41 -5.66 -1.82
N GLU B 51 -22.74 -5.60 -1.70
CA GLU B 51 -23.34 -4.97 -0.53
C GLU B 51 -22.84 -5.64 0.73
N LEU B 52 -22.75 -6.95 0.72
CA LEU B 52 -22.26 -7.62 1.87
C LEU B 52 -20.89 -7.13 2.28
N TYR B 53 -19.90 -7.24 1.41
CA TYR B 53 -18.57 -6.69 1.77
C TYR B 53 -18.73 -5.30 2.32
N TYR B 54 -19.49 -4.48 1.61
CA TYR B 54 -19.68 -3.12 2.05
C TYR B 54 -20.17 -3.04 3.49
N GLN B 55 -21.35 -3.60 3.77
CA GLN B 55 -21.87 -3.65 5.14
C GLN B 55 -20.82 -4.14 6.11
N ALA B 56 -20.07 -5.16 5.76
CA ALA B 56 -19.05 -5.63 6.67
C ALA B 56 -18.04 -4.54 6.97
N TYR B 57 -17.47 -3.94 5.93
CA TYR B 57 -16.51 -2.85 6.08
C TYR B 57 -17.06 -1.67 6.88
N SER B 59 -19.51 -1.75 9.20
CA SER B 59 -19.59 -2.26 10.56
C SER B 59 -18.28 -2.00 11.28
N VAL B 60 -17.23 -2.50 10.69
CA VAL B 60 -15.93 -2.45 11.31
C VAL B 60 -15.47 -1.01 11.49
N THR B 61 -15.59 -0.19 10.45
CA THR B 61 -15.12 1.18 10.58
C THR B 61 -16.01 1.92 11.56
N GLU B 62 -17.28 1.52 11.73
CA GLU B 62 -18.16 2.22 12.72
C GLU B 62 -17.42 2.15 14.05
N LYS B 63 -17.11 0.93 14.44
CA LYS B 63 -16.33 0.63 15.63
C LYS B 63 -15.04 1.47 15.81
N LEU B 64 -14.12 1.47 14.86
CA LEU B 64 -12.89 2.24 15.01
C LEU B 64 -13.16 3.72 15.18
N GLN B 65 -14.02 4.25 14.32
CA GLN B 65 -14.34 5.65 14.39
C GLN B 65 -14.79 5.93 15.81
N LYS B 66 -15.73 5.15 16.33
CA LYS B 66 -16.18 5.36 17.70
C LYS B 66 -14.94 5.39 18.59
N GLU B 67 -14.08 4.38 18.52
CA GLU B 67 -12.91 4.32 19.41
C GLU B 67 -12.02 5.52 19.19
N PHE B 68 -11.80 5.86 17.96
CA PHE B 68 -10.99 7.02 17.71
C PHE B 68 -11.58 8.29 18.29
N GLU B 69 -12.90 8.45 18.18
CA GLU B 69 -13.49 9.73 18.57
C GLU B 69 -13.34 9.94 20.06
N ASN B 70 -13.46 8.85 20.79
CA ASN B 70 -13.21 8.87 22.21
C ASN B 70 -11.73 9.20 22.50
N PHE B 71 -10.80 8.62 21.75
CA PHE B 71 -9.40 8.93 21.95
C PHE B 71 -9.15 10.42 21.81
N LEU B 72 -9.64 10.96 20.72
CA LEU B 72 -9.42 12.34 20.41
C LEU B 72 -9.81 13.28 21.54
N LYS B 74 -10.16 12.59 24.83
CA LYS B 74 -9.24 12.39 25.90
C LYS B 74 -7.85 12.96 25.55
N ASN B 75 -7.63 13.36 24.30
CA ASN B 75 -6.32 13.88 23.89
C ASN B 75 -6.30 15.13 23.01
N ARG B 76 -7.44 15.79 22.79
CA ARG B 76 -7.55 16.94 21.88
C ARG B 76 -6.53 18.05 22.15
N ASN B 77 -6.14 18.08 23.42
CA ASN B 77 -5.20 19.04 23.95
C ASN B 77 -3.73 18.77 23.61
N ARG B 78 -3.35 17.52 23.38
CA ARG B 78 -1.92 17.20 23.23
C ARG B 78 -1.29 17.96 22.06
N ASP B 79 0.03 18.09 22.12
CA ASP B 79 0.86 18.42 20.95
C ASP B 79 0.64 17.39 19.81
N ILE B 80 0.73 17.85 18.56
CA ILE B 80 0.45 16.98 17.41
C ILE B 80 1.24 15.67 17.30
N PHE B 81 2.54 15.70 17.51
CA PHE B 81 3.34 14.48 17.32
C PHE B 81 3.15 13.54 18.51
N ASP B 82 3.29 14.11 19.69
CA ASP B 82 2.88 13.48 20.93
C ASP B 82 1.57 12.73 20.71
N PHE B 83 0.65 13.40 20.02
CA PHE B 83 -0.61 12.79 19.68
C PHE B 83 -0.40 11.52 18.84
N GLU B 85 2.21 9.78 17.97
CA GLU B 85 2.97 8.86 18.81
C GLU B 85 2.01 7.98 19.61
N ARG B 86 1.27 8.58 20.53
CA ARG B 86 0.35 7.80 21.34
C ARG B 86 -0.72 7.08 20.51
N TRP B 87 -1.22 7.70 19.44
CA TRP B 87 -2.29 7.05 18.72
C TRP B 87 -1.81 5.77 18.10
N ILE B 88 -0.69 5.87 17.38
CA ILE B 88 -0.13 4.73 16.68
C ILE B 88 -0.10 3.53 17.65
N GLU B 89 0.42 3.77 18.85
CA GLU B 89 0.36 2.78 19.93
C GLU B 89 -1.02 2.07 20.01
N LYS B 90 -2.08 2.82 20.25
CA LYS B 90 -3.40 2.20 20.37
C LYS B 90 -3.73 1.35 19.16
N LYS B 91 -3.41 1.86 17.96
CA LYS B 91 -3.78 1.16 16.71
C LYS B 91 -3.15 -0.23 16.63
N LEU B 92 -1.87 -0.33 17.00
CA LEU B 92 -1.24 -1.63 17.06
C LEU B 92 -1.93 -2.51 18.06
N GLU B 93 -2.13 -1.97 19.26
CA GLU B 93 -2.84 -2.70 20.30
C GLU B 93 -4.12 -3.31 19.73
N TYR B 94 -4.78 -2.57 18.87
CA TYR B 94 -6.01 -3.08 18.29
C TYR B 94 -5.68 -4.11 17.26
N SER B 95 -4.73 -3.80 16.40
CA SER B 95 -4.34 -4.74 15.39
C SER B 95 -3.96 -6.10 15.99
N ALA B 96 -3.34 -6.09 17.18
CA ALA B 96 -3.00 -7.35 17.86
C ALA B 96 -4.21 -7.97 18.58
N SER B 97 -5.09 -7.14 19.15
CA SER B 97 -6.26 -7.69 19.81
C SER B 97 -7.36 -8.12 18.86
N HIS B 98 -7.25 -7.76 17.57
CA HIS B 98 -8.31 -8.02 16.61
C HIS B 98 -7.73 -8.23 15.24
N PRO B 99 -6.71 -9.06 15.12
CA PRO B 99 -6.04 -9.23 13.82
C PRO B 99 -6.94 -9.54 12.57
N GLU B 100 -8.09 -10.18 12.79
CA GLU B 100 -9.00 -10.52 11.69
C GLU B 100 -9.53 -9.23 11.08
N GLU B 101 -10.08 -8.37 11.92
CA GLU B 101 -10.50 -7.02 11.48
C GLU B 101 -9.36 -6.35 10.71
N ALA B 102 -8.22 -6.18 11.34
CA ALA B 102 -7.06 -5.66 10.62
C ALA B 102 -6.89 -6.28 9.23
N ASP B 103 -6.79 -7.59 9.19
CA ASP B 103 -6.48 -8.29 7.96
C ASP B 103 -7.56 -8.03 6.93
N PHE B 104 -8.79 -7.85 7.39
CA PHE B 104 -9.90 -7.56 6.49
C PHE B 104 -9.89 -6.13 5.91
N LEU B 105 -9.60 -5.13 6.73
CA LEU B 105 -9.55 -3.76 6.24
C LEU B 105 -8.58 -3.61 5.12
N ILE B 106 -7.46 -4.33 5.19
CA ILE B 106 -6.45 -4.27 4.11
C ILE B 106 -6.93 -4.80 2.73
N THR B 107 -7.97 -5.65 2.73
CA THR B 107 -8.52 -6.21 1.47
C THR B 107 -9.17 -5.21 0.53
N LEU B 108 -9.37 -4.00 1.03
CA LEU B 108 -10.07 -2.99 0.29
C LEU B 108 -9.52 -2.82 -1.08
N VAL B 109 -8.20 -2.92 -1.27
CA VAL B 109 -7.70 -2.72 -2.63
C VAL B 109 -8.13 -3.81 -3.63
N SER B 110 -8.43 -5.02 -3.17
CA SER B 110 -8.79 -6.11 -4.09
C SER B 110 -10.13 -5.96 -4.88
N VAL B 111 -10.94 -4.96 -4.54
CA VAL B 111 -12.31 -4.88 -5.05
C VAL B 111 -12.58 -3.82 -6.13
N ASP B 112 -13.49 -4.14 -7.03
CA ASP B 112 -13.68 -3.38 -8.27
C ASP B 112 -13.92 -1.89 -8.08
N GLU B 113 -13.31 -1.11 -9.01
CA GLU B 113 -13.40 0.36 -9.09
C GLU B 113 -14.63 0.86 -8.34
N GLY B 114 -15.76 0.23 -8.62
CA GLY B 114 -17.01 0.75 -8.16
C GLY B 114 -17.15 0.81 -6.66
N LEU B 115 -17.15 -0.38 -6.09
CA LEU B 115 -17.38 -0.52 -4.68
C LEU B 115 -16.30 0.25 -3.97
N ARG B 116 -15.05 0.05 -4.39
CA ARG B 116 -13.91 0.68 -3.76
C ARG B 116 -14.14 2.17 -3.62
N LYS B 117 -14.38 2.83 -4.76
CA LYS B 117 -14.49 4.29 -4.78
C LYS B 117 -15.62 4.67 -3.82
N ARG B 118 -16.74 3.98 -3.91
CA ARG B 118 -17.82 4.25 -3.00
C ARG B 118 -17.31 4.36 -1.59
N ILE B 119 -16.61 3.34 -1.14
CA ILE B 119 -16.24 3.24 0.25
C ILE B 119 -15.29 4.34 0.63
N LEU B 120 -14.21 4.46 -0.15
CA LEU B 120 -13.24 5.54 0.02
C LEU B 120 -13.89 6.90 0.26
N LEU B 121 -14.91 7.22 -0.53
CA LEU B 121 -15.64 8.46 -0.29
C LEU B 121 -16.28 8.45 1.10
N ASP B 122 -17.02 7.41 1.44
CA ASP B 122 -17.59 7.31 2.78
C ASP B 122 -16.51 7.51 3.81
N LEU B 123 -15.29 7.11 3.50
CA LEU B 123 -14.18 7.36 4.39
C LEU B 123 -13.79 8.82 4.50
N GLU B 124 -13.40 9.46 3.41
CA GLU B 124 -12.97 10.85 3.51
C GLU B 124 -13.85 11.56 4.54
N LYS B 125 -15.16 11.29 4.52
CA LYS B 125 -16.05 11.82 5.55
C LYS B 125 -15.44 11.56 6.95
N SER B 126 -15.47 10.31 7.40
CA SER B 126 -14.88 9.91 8.70
C SER B 126 -13.49 10.49 8.98
N GLN B 127 -12.63 10.41 7.97
CA GLN B 127 -11.28 10.92 8.04
C GLN B 127 -11.24 12.41 8.32
N ARG B 128 -12.13 13.16 7.68
CA ARG B 128 -12.05 14.63 7.73
C ARG B 128 -11.95 15.20 9.13
N VAL B 129 -12.51 14.51 10.11
CA VAL B 129 -12.42 14.96 11.48
C VAL B 129 -10.94 15.08 11.84
N PHE B 130 -10.30 13.93 12.07
CA PHE B 130 -8.87 13.86 12.37
C PHE B 130 -8.10 14.72 11.38
N PHE B 131 -8.34 14.46 10.11
CA PHE B 131 -7.75 15.23 9.05
C PHE B 131 -7.78 16.72 9.42
N ASP B 132 -8.94 17.26 9.74
CA ASP B 132 -9.05 18.70 9.95
C ASP B 132 -8.37 19.17 11.20
N PHE B 133 -8.51 18.41 12.27
CA PHE B 133 -7.81 18.65 13.53
C PHE B 133 -6.32 18.86 13.32
N VAL B 134 -5.72 18.04 12.48
CA VAL B 134 -4.29 18.16 12.25
C VAL B 134 -3.96 19.51 11.60
N ARG B 135 -4.82 19.92 10.66
CA ARG B 135 -4.61 21.20 9.99
C ARG B 135 -4.40 22.25 11.03
N GLU B 136 -5.19 22.18 12.11
CA GLU B 136 -5.17 23.22 13.15
C GLU B 136 -3.89 23.19 13.98
N LYS B 137 -3.58 22.02 14.53
CA LYS B 137 -2.41 21.85 15.36
C LYS B 137 -1.07 22.14 14.64
N LEU B 138 -1.13 22.51 13.36
CA LEU B 138 0.07 22.84 12.59
C LEU B 138 0.26 24.32 12.48
N LYS B 139 -0.84 25.05 12.53
CA LYS B 139 -0.75 26.51 12.62
C LYS B 139 0.16 26.77 13.82
N ASP B 140 -0.04 25.98 14.89
CA ASP B 140 0.82 25.99 16.10
C ASP B 140 2.30 25.67 15.91
N LEU B 141 2.79 25.50 14.68
CA LEU B 141 4.19 25.12 14.53
C LEU B 141 4.94 26.10 13.65
N ASP B 142 6.21 26.32 13.97
CA ASP B 142 7.06 27.25 13.24
C ASP B 142 7.77 26.54 12.11
N LEU B 143 7.19 26.61 10.91
CA LEU B 143 7.69 25.84 9.77
C LEU B 143 8.91 26.46 9.12
N ALA B 144 9.60 25.67 8.30
CA ALA B 144 10.67 26.18 7.45
C ALA B 144 10.03 26.99 6.34
N GLU B 145 10.76 27.97 5.81
CA GLU B 145 10.23 28.93 4.82
C GLU B 145 10.01 28.34 3.43
N ASP B 146 9.89 27.01 3.33
CA ASP B 146 9.63 26.32 2.07
C ASP B 146 8.73 25.10 2.28
N VAL B 147 8.04 25.08 3.43
CA VAL B 147 7.28 23.91 3.87
C VAL B 147 5.82 24.28 4.08
N THR B 148 5.07 24.24 3.00
CA THR B 148 3.65 24.51 3.05
C THR B 148 2.93 23.61 4.09
N GLU B 149 1.91 24.18 4.73
CA GLU B 149 1.01 23.40 5.58
C GLU B 149 0.44 22.27 4.74
N GLU B 150 0.15 22.56 3.47
CA GLU B 150 -0.35 21.55 2.56
C GLU B 150 0.65 20.42 2.53
N ILE B 151 1.87 20.73 2.09
CA ILE B 151 2.93 19.73 2.01
C ILE B 151 3.06 18.95 3.32
N ALA B 152 3.07 19.66 4.42
CA ALA B 152 3.22 18.99 5.70
C ALA B 152 2.13 17.95 5.90
N LEU B 153 0.88 18.36 5.67
CA LEU B 153 -0.22 17.45 5.91
C LEU B 153 -0.04 16.16 5.13
N LYS B 154 0.23 16.28 3.84
CA LYS B 154 0.43 15.07 3.03
C LYS B 154 1.41 14.14 3.76
N PHE B 155 2.57 14.68 4.08
CA PHE B 155 3.60 13.87 4.67
C PHE B 155 3.04 13.10 5.85
N LEU B 156 2.41 13.80 6.77
CA LEU B 156 1.95 13.17 8.00
C LEU B 156 0.87 12.16 7.77
N TRP B 158 0.28 10.60 5.06
CA TRP B 158 0.85 9.44 4.42
C TRP B 158 1.48 8.56 5.47
N PHE B 159 2.50 9.07 6.14
CA PHE B 159 3.15 8.38 7.23
C PHE B 159 2.11 7.64 8.07
N PHE B 160 1.32 8.41 8.79
CA PHE B 160 0.29 7.87 9.65
C PHE B 160 -0.38 6.57 9.18
N SER B 161 -1.04 6.64 8.04
CA SER B 161 -1.77 5.47 7.54
C SER B 161 -0.85 4.53 6.73
N GLY B 162 0.21 5.07 6.14
CA GLY B 162 1.22 4.28 5.43
C GLY B 162 1.95 3.30 6.34
N PHE B 163 2.27 3.72 7.56
CA PHE B 163 2.91 2.83 8.53
C PHE B 163 1.98 1.67 8.77
N GLU B 164 0.70 1.98 9.03
CA GLU B 164 -0.34 0.96 9.13
C GLU B 164 -0.10 -0.13 8.05
N GLU B 165 -0.35 0.17 6.79
CA GLU B 165 -0.10 -0.82 5.74
C GLU B 165 1.35 -1.39 5.70
N VAL B 166 2.38 -0.59 6.00
CA VAL B 166 3.80 -1.04 5.98
C VAL B 166 4.11 -2.22 6.86
N TYR B 167 3.85 -2.07 8.15
CA TYR B 167 4.02 -3.18 9.06
C TYR B 167 3.00 -4.25 8.69
N LEU B 168 1.72 -3.87 8.62
CA LEU B 168 0.56 -4.82 8.67
C LEU B 168 0.61 -5.97 7.67
N ARG B 169 1.13 -5.72 6.48
CA ARG B 169 1.40 -6.80 5.54
C ARG B 169 2.59 -7.63 6.02
N THR B 170 3.65 -6.97 6.50
CA THR B 170 4.86 -7.67 7.00
C THR B 170 4.60 -8.60 8.18
N TYR B 171 3.76 -8.16 9.11
CA TYR B 171 3.42 -8.96 10.27
C TYR B 171 2.07 -9.62 10.07
N GLN B 172 1.64 -9.80 8.81
CA GLN B 172 0.36 -10.48 8.54
C GLN B 172 0.46 -11.95 8.94
N GLY B 173 -0.58 -12.43 9.62
CA GLY B 173 -0.63 -13.84 10.11
C GLY B 173 0.53 -14.25 11.03
N LYS B 174 1.01 -13.30 11.83
CA LYS B 174 2.19 -13.46 12.67
C LYS B 174 2.06 -12.63 13.98
N PRO B 175 0.86 -12.67 14.62
CA PRO B 175 0.55 -11.76 15.75
C PRO B 175 1.48 -11.98 16.93
N GLU B 176 1.78 -13.25 17.19
CA GLU B 176 2.90 -13.65 18.04
C GLU B 176 4.10 -12.72 17.81
N LEU B 177 4.57 -12.70 16.57
CA LEU B 177 5.79 -12.01 16.22
C LEU B 177 5.64 -10.48 16.39
N LEU B 178 4.40 -10.02 16.34
CA LEU B 178 4.12 -8.62 16.49
C LEU B 178 4.20 -8.22 17.95
N LYS B 179 3.49 -8.98 18.78
CA LYS B 179 3.48 -8.74 20.21
C LYS B 179 4.90 -8.70 20.72
N ARG B 180 5.72 -9.64 20.25
CA ARG B 180 7.16 -9.63 20.54
C ARG B 180 7.70 -8.23 20.22
N ASP B 181 7.61 -7.86 18.95
CA ASP B 181 8.26 -6.64 18.45
C ASP B 181 7.56 -5.32 18.81
N ASN B 183 7.05 -3.37 21.21
CA ASN B 183 7.72 -2.30 21.96
C ASN B 183 8.84 -1.53 21.19
N THR B 184 9.68 -2.25 20.46
CA THR B 184 10.63 -1.63 19.53
C THR B 184 9.91 -0.67 18.58
N LEU B 185 8.87 -1.19 17.93
CA LEU B 185 8.18 -0.45 16.89
C LEU B 185 7.84 0.92 17.41
N VAL B 186 7.17 0.91 18.56
CA VAL B 186 6.78 2.13 19.21
C VAL B 186 7.95 3.12 19.35
N GLU B 187 9.14 2.61 19.69
CA GLU B 187 10.32 3.47 19.73
C GLU B 187 10.64 3.97 18.29
N GLU B 188 10.84 3.03 17.38
CA GLU B 188 11.15 3.39 15.98
C GLU B 188 10.24 4.55 15.52
N VAL B 189 8.95 4.40 15.77
CA VAL B 189 8.00 5.46 15.51
C VAL B 189 8.35 6.78 16.16
N LYS B 190 8.46 6.76 17.49
CA LYS B 190 8.73 7.97 18.27
C LYS B 190 9.92 8.69 17.65
N VAL B 191 10.98 7.95 17.35
CA VAL B 191 12.09 8.51 16.58
C VAL B 191 11.63 9.14 15.27
N LEU B 193 8.84 10.22 14.19
CA LEU B 193 8.08 11.45 14.36
C LEU B 193 9.01 12.56 14.78
N ARG B 194 9.77 12.30 15.84
CA ARG B 194 10.83 13.21 16.25
C ARG B 194 11.58 13.69 15.04
N ILE B 195 12.01 12.77 14.18
CA ILE B 195 12.79 13.18 13.00
C ILE B 195 12.05 14.22 12.18
N LEU B 196 10.74 14.00 11.99
CA LEU B 196 9.94 14.88 11.15
C LEU B 196 9.80 16.24 11.78
N LYS B 197 9.46 16.28 13.08
CA LYS B 197 9.38 17.54 13.83
C LYS B 197 10.65 18.37 13.62
N LYS B 198 11.83 17.76 13.76
CA LYS B 198 13.10 18.47 13.61
C LYS B 198 13.27 18.99 12.21
N GLY B 199 12.79 18.20 11.24
CA GLY B 199 12.91 18.55 9.83
C GLY B 199 12.00 19.67 9.34
N THR B 201 10.61 22.12 11.39
CA THR B 201 10.64 23.30 12.24
C THR B 201 11.99 24.02 12.17
N LYS B 202 12.00 25.28 12.61
CA LYS B 202 13.16 26.16 12.45
C LYS B 202 14.23 25.78 13.49
#